data_6B6O
#
_entry.id   6B6O
#
_cell.length_a   54.439
_cell.length_b   58.172
_cell.length_c   65.943
_cell.angle_alpha   90.000
_cell.angle_beta   90.000
_cell.angle_gamma   90.000
#
_symmetry.space_group_name_H-M   'P 21 21 21'
#
loop_
_entity.id
_entity.type
_entity.pdbx_description
1 polymer 'Cationic trypsin'
2 non-polymer 'CALCIUM ION'
3 non-polymer BENZAMIDINE
4 non-polymer 'SULFATE ION'
5 non-polymer beta-D-xylopyranose
6 non-polymer alpha-D-xylopyranose
7 water water
#
_entity_poly.entity_id   1
_entity_poly.type   'polypeptide(L)'
_entity_poly.pdbx_seq_one_letter_code
;IVGGYTCGANTVPYQVSLNSGYHFCGGSLINSQWVVSAAHCYKSGIQVRLGEDNINVVEGNEQFISASKSIVHPSYNSNT
LNNDIMLIKLKSAASLNSRVASISLPTSCASAGTQCLISGWGNTKSSGTSYPDVLKCLKAPILSDSSCKSAYPGQITSNM
FCAGYLEGGKDSCQGDSGGPVVCSGKLQGIVSWGSGCAQKNKPGVYTKVCNYVSWIKQTIASN
;
_entity_poly.pdbx_strand_id   A
#
loop_
_chem_comp.id
_chem_comp.type
_chem_comp.name
_chem_comp.formula
BEN non-polymer BENZAMIDINE 'C7 H8 N2'
CA non-polymer 'CALCIUM ION' 'Ca 2'
SO4 non-polymer 'SULFATE ION' 'O4 S -2'
XYP D-saccharide, beta linking beta-D-xylopyranose 'C5 H10 O5'
XYS D-saccharide, alpha linking alpha-D-xylopyranose 'C5 H10 O5'
#
# COMPACT_ATOMS: atom_id res chain seq x y z
N ILE A 1 5.57 8.25 -4.49
CA ILE A 1 6.68 8.38 -3.56
C ILE A 1 7.40 9.68 -3.83
N VAL A 2 7.45 10.57 -2.82
CA VAL A 2 8.15 11.84 -2.94
C VAL A 2 9.42 11.76 -2.08
N GLY A 3 10.57 12.04 -2.70
CA GLY A 3 11.82 12.05 -1.96
C GLY A 3 12.47 10.71 -1.75
N GLY A 4 12.05 9.69 -2.46
CA GLY A 4 12.60 8.36 -2.37
C GLY A 4 13.57 8.06 -3.49
N TYR A 5 13.58 6.80 -3.92
CA TYR A 5 14.56 6.37 -4.91
C TYR A 5 13.92 5.34 -5.83
N THR A 6 14.66 5.02 -6.89
CA THR A 6 14.26 3.95 -7.81
C THR A 6 14.58 2.61 -7.15
N CYS A 7 13.53 1.85 -6.82
CA CYS A 7 13.69 0.58 -6.13
C CYS A 7 14.63 -0.34 -6.89
N GLY A 8 14.48 -0.39 -8.20
CA GLY A 8 15.05 -1.46 -8.98
C GLY A 8 14.00 -2.46 -9.44
N ALA A 9 14.17 -2.96 -10.67
CA ALA A 9 13.19 -3.85 -11.27
C ALA A 9 12.97 -5.11 -10.42
N ASN A 10 11.71 -5.37 -10.08
CA ASN A 10 11.28 -6.61 -9.45
C ASN A 10 11.99 -6.86 -8.10
N THR A 11 12.52 -5.82 -7.44
CA THR A 11 13.15 -5.99 -6.14
C THR A 11 12.18 -5.87 -4.98
N VAL A 12 10.94 -5.46 -5.25
CA VAL A 12 9.84 -5.46 -4.29
C VAL A 12 8.81 -6.43 -4.85
N PRO A 13 8.98 -7.75 -4.67
CA PRO A 13 8.21 -8.73 -5.45
C PRO A 13 6.74 -8.88 -5.06
N TYR A 14 6.34 -8.37 -3.91
CA TYR A 14 4.94 -8.36 -3.49
C TYR A 14 4.18 -7.15 -3.99
N GLN A 15 4.87 -6.15 -4.51
CA GLN A 15 4.17 -4.97 -4.99
C GLN A 15 3.40 -5.31 -6.25
N VAL A 16 2.12 -4.94 -6.29
CA VAL A 16 1.30 -5.09 -7.48
C VAL A 16 0.92 -3.70 -8.00
N SER A 17 0.34 -3.68 -9.19
CA SER A 17 -0.30 -2.48 -9.73
C SER A 17 -1.75 -2.80 -10.00
N LEU A 18 -2.65 -1.92 -9.55
CA LEU A 18 -4.07 -2.02 -9.89
C LEU A 18 -4.32 -1.25 -11.18
N ASN A 19 -4.85 -1.93 -12.18
CA ASN A 19 -4.98 -1.35 -13.50
C ASN A 19 -6.41 -1.49 -13.99
N SER A 20 -7.02 -0.36 -14.34
CA SER A 20 -8.32 -0.33 -14.99
C SER A 20 -8.20 0.51 -16.27
N GLY A 21 -7.35 0.06 -17.18
CA GLY A 21 -6.95 0.80 -18.35
C GLY A 21 -5.76 1.72 -18.14
N TYR A 22 -5.23 1.77 -16.93
CA TYR A 22 -4.20 2.70 -16.51
C TYR A 22 -3.93 2.41 -15.05
N HIS A 23 -2.69 2.53 -14.61
CA HIS A 23 -2.40 2.38 -13.18
C HIS A 23 -3.19 3.42 -12.41
N PHE A 24 -3.89 3.00 -11.36
CA PHE A 24 -4.59 3.93 -10.47
C PHE A 24 -4.35 3.67 -8.98
N CYS A 25 -3.95 2.47 -8.59
CA CYS A 25 -3.62 2.23 -7.19
C CYS A 25 -2.51 1.19 -7.14
N GLY A 26 -1.84 1.13 -5.97
CA GLY A 26 -1.03 -0.02 -5.64
C GLY A 26 -1.85 -1.06 -4.88
N GLY A 27 -1.22 -2.21 -4.63
CA GLY A 27 -1.77 -3.29 -3.85
C GLY A 27 -0.62 -4.16 -3.40
N SER A 28 -0.91 -5.11 -2.51
CA SER A 28 0.09 -6.01 -1.95
C SER A 28 -0.33 -7.46 -2.08
N LEU A 29 0.50 -8.27 -2.75
CA LEU A 29 0.23 -9.70 -2.89
C LEU A 29 0.51 -10.43 -1.56
N ILE A 30 -0.48 -11.16 -1.06
CA ILE A 30 -0.29 -11.90 0.19
C ILE A 30 -0.39 -13.41 0.01
N ASN A 31 -1.05 -13.91 -1.04
CA ASN A 31 -0.89 -15.31 -1.44
C ASN A 31 -1.13 -15.38 -2.94
N SER A 32 -1.00 -16.58 -3.51
CA SER A 32 -1.06 -16.70 -4.97
C SER A 32 -2.38 -16.26 -5.59
N GLN A 33 -3.38 -15.91 -4.80
CA GLN A 33 -4.66 -15.54 -5.40
C GLN A 33 -5.37 -14.41 -4.66
N TRP A 34 -4.69 -13.71 -3.77
CA TRP A 34 -5.33 -12.63 -3.01
C TRP A 34 -4.38 -11.45 -2.92
N VAL A 35 -4.90 -10.28 -3.25
CA VAL A 35 -4.18 -9.02 -3.09
C VAL A 35 -4.94 -8.19 -2.07
N VAL A 36 -4.21 -7.56 -1.16
CA VAL A 36 -4.80 -6.61 -0.22
C VAL A 36 -4.47 -5.18 -0.66
N SER A 37 -5.41 -4.26 -0.48
CA SER A 37 -5.26 -2.89 -0.99
C SER A 37 -5.99 -1.93 -0.06
N ALA A 38 -6.18 -0.70 -0.52
CA ALA A 38 -6.98 0.28 0.19
C ALA A 38 -8.43 0.22 -0.27
N ALA A 39 -9.35 0.39 0.68
CA ALA A 39 -10.77 0.31 0.36
C ALA A 39 -11.20 1.49 -0.52
N HIS A 40 -10.60 2.65 -0.32
CA HIS A 40 -10.88 3.78 -1.20
C HIS A 40 -10.30 3.60 -2.59
N CYS A 41 -9.55 2.52 -2.82
CA CYS A 41 -9.10 2.15 -4.16
C CYS A 41 -10.11 1.29 -4.90
N TYR A 42 -11.25 1.00 -4.30
CA TYR A 42 -12.20 0.09 -4.91
C TYR A 42 -12.79 0.69 -6.17
N LYS A 43 -12.83 -0.10 -7.22
CA LYS A 43 -13.62 0.22 -8.40
C LYS A 43 -13.89 -1.08 -9.11
N SER A 44 -14.89 -1.04 -9.98
CA SER A 44 -15.17 -2.17 -10.84
C SER A 44 -14.17 -2.19 -12.00
N GLY A 45 -13.95 -3.38 -12.54
CA GLY A 45 -13.04 -3.57 -13.66
C GLY A 45 -11.56 -3.48 -13.30
N ILE A 46 -11.12 -4.23 -12.29
CA ILE A 46 -9.74 -4.18 -11.83
C ILE A 46 -8.99 -5.39 -12.40
N GLN A 47 -7.91 -5.12 -13.11
CA GLN A 47 -6.89 -6.13 -13.43
C GLN A 47 -5.69 -5.88 -12.53
N VAL A 48 -5.07 -6.97 -12.08
CA VAL A 48 -3.97 -6.94 -11.13
C VAL A 48 -2.68 -7.27 -11.89
N ARG A 49 -1.73 -6.35 -11.85
CA ARG A 49 -0.54 -6.43 -12.68
C ARG A 49 0.67 -6.71 -11.79
N LEU A 50 1.14 -7.96 -11.82
CA LEU A 50 2.22 -8.43 -10.97
C LEU A 50 3.53 -8.41 -11.76
N GLY A 51 4.64 -8.21 -11.04
CA GLY A 51 5.93 -8.25 -11.68
C GLY A 51 6.27 -7.02 -12.45
N GLU A 52 5.69 -5.88 -12.08
CA GLU A 52 5.84 -4.64 -12.83
C GLU A 52 7.04 -3.85 -12.32
N ASP A 53 7.84 -3.32 -13.26
CA ASP A 53 8.71 -2.19 -12.99
C ASP A 53 8.26 -0.98 -13.82
N ASN A 54 8.51 -0.97 -15.12
CA ASN A 54 7.94 0.09 -15.96
C ASN A 54 6.52 -0.35 -16.32
N ILE A 55 5.52 0.39 -15.81
CA ILE A 55 4.13 0.03 -16.06
C ILE A 55 3.66 0.45 -17.44
N ASN A 56 4.49 1.19 -18.19
CA ASN A 56 4.19 1.54 -19.57
C ASN A 56 5.01 0.74 -20.56
N VAL A 57 5.68 -0.32 -20.11
CA VAL A 57 6.52 -1.14 -21.00
C VAL A 57 6.41 -2.60 -20.58
N VAL A 58 6.23 -3.49 -21.54
CA VAL A 58 6.29 -4.92 -21.27
C VAL A 58 7.75 -5.34 -21.23
N GLU A 59 8.16 -5.94 -20.11
CA GLU A 59 9.58 -6.09 -19.83
C GLU A 59 10.03 -7.52 -19.70
N GLY A 60 9.14 -8.45 -19.36
CA GLY A 60 9.49 -9.86 -19.37
C GLY A 60 8.90 -10.67 -18.25
N ASN A 61 8.50 -10.02 -17.15
CA ASN A 61 8.13 -10.74 -15.94
C ASN A 61 6.71 -10.44 -15.46
N GLU A 62 5.91 -9.72 -16.26
CA GLU A 62 4.56 -9.35 -15.83
C GLU A 62 3.62 -10.55 -15.78
N GLN A 63 2.68 -10.52 -14.84
CA GLN A 63 1.48 -11.36 -14.91
C GLN A 63 0.27 -10.46 -14.73
N PHE A 64 -0.64 -10.49 -15.70
CA PHE A 64 -1.88 -9.72 -15.68
C PHE A 64 -3.03 -10.67 -15.40
N ILE A 65 -3.73 -10.44 -14.29
CA ILE A 65 -4.84 -11.29 -13.86
C ILE A 65 -6.03 -10.40 -13.53
N SER A 66 -7.20 -10.74 -14.05
CA SER A 66 -8.41 -10.01 -13.70
C SER A 66 -8.85 -10.35 -12.27
N ALA A 67 -9.39 -9.37 -11.58
CA ALA A 67 -10.03 -9.69 -10.31
C ALA A 67 -11.26 -10.54 -10.58
N SER A 68 -11.49 -11.52 -9.71
CA SER A 68 -12.74 -12.28 -9.74
C SER A 68 -13.74 -11.79 -8.70
N LYS A 69 -13.26 -11.14 -7.64
CA LYS A 69 -14.10 -10.62 -6.56
C LYS A 69 -13.28 -9.60 -5.77
N SER A 70 -13.96 -8.55 -5.29
CA SER A 70 -13.41 -7.57 -4.37
C SER A 70 -14.25 -7.49 -3.09
N ILE A 71 -13.59 -7.33 -1.96
CA ILE A 71 -14.26 -7.27 -0.66
C ILE A 71 -13.77 -6.03 0.09
N VAL A 72 -14.54 -4.95 0.00
CA VAL A 72 -14.27 -3.79 0.85
C VAL A 72 -14.59 -4.14 2.29
N HIS A 73 -13.71 -3.70 3.20
CA HIS A 73 -13.86 -4.05 4.61
C HIS A 73 -15.30 -3.78 5.05
N PRO A 74 -15.91 -4.66 5.82
CA PRO A 74 -17.32 -4.46 6.22
C PRO A 74 -17.59 -3.11 6.84
N SER A 75 -16.58 -2.49 7.44
CA SER A 75 -16.78 -1.27 8.22
C SER A 75 -16.00 -0.08 7.65
N TYR A 76 -15.71 -0.11 6.35
CA TYR A 76 -14.97 0.99 5.75
C TYR A 76 -15.80 2.26 5.72
N ASN A 77 -15.28 3.33 6.30
CA ASN A 77 -15.94 4.63 6.24
C ASN A 77 -15.12 5.51 5.29
N SER A 78 -15.73 5.86 4.14
CA SER A 78 -15.05 6.68 3.15
C SER A 78 -14.92 8.13 3.60
N ASN A 79 -15.66 8.54 4.62
CA ASN A 79 -15.54 9.92 5.09
C ASN A 79 -14.35 10.10 6.03
N THR A 80 -14.15 9.18 6.97
CA THR A 80 -13.01 9.28 7.87
C THR A 80 -11.82 8.48 7.39
N LEU A 81 -12.01 7.67 6.33
CA LEU A 81 -11.04 6.67 5.88
C LEU A 81 -10.74 5.64 6.97
N ASN A 82 -11.63 5.47 7.95
CA ASN A 82 -11.44 4.45 8.97
C ASN A 82 -11.68 3.09 8.35
N ASN A 83 -10.75 2.16 8.59
CA ASN A 83 -10.77 0.82 7.99
C ASN A 83 -10.63 0.88 6.46
N ASP A 84 -9.54 1.51 6.00
CA ASP A 84 -9.26 1.61 4.57
C ASP A 84 -8.43 0.43 4.09
N ILE A 85 -9.08 -0.73 4.00
CA ILE A 85 -8.45 -1.97 3.57
C ILE A 85 -9.42 -2.72 2.68
N MET A 86 -8.91 -3.37 1.63
CA MET A 86 -9.79 -4.20 0.84
C MET A 86 -9.03 -5.40 0.29
N LEU A 87 -9.76 -6.49 0.06
CA LEU A 87 -9.18 -7.72 -0.47
C LEU A 87 -9.68 -7.95 -1.88
N ILE A 88 -8.77 -8.33 -2.76
CA ILE A 88 -9.08 -8.65 -4.15
C ILE A 88 -8.71 -10.10 -4.39
N LYS A 89 -9.66 -10.89 -4.92
CA LYS A 89 -9.33 -12.25 -5.35
C LYS A 89 -8.99 -12.28 -6.83
N LEU A 90 -7.89 -12.96 -7.17
CA LEU A 90 -7.44 -13.09 -8.54
C LEU A 90 -8.18 -14.23 -9.24
N LYS A 91 -8.49 -14.01 -10.52
CA LYS A 91 -9.25 -14.99 -11.30
C LYS A 91 -8.50 -16.30 -11.46
N SER A 92 -7.17 -16.22 -11.61
CA SER A 92 -6.31 -17.39 -11.69
C SER A 92 -5.13 -17.16 -10.75
N ALA A 93 -4.60 -18.24 -10.19
CA ALA A 93 -3.51 -18.08 -9.25
C ALA A 93 -2.27 -17.53 -9.95
N ALA A 94 -1.65 -16.51 -9.33
CA ALA A 94 -0.36 -16.07 -9.83
C ALA A 94 0.63 -17.23 -9.72
N SER A 95 1.60 -17.26 -10.62
N SER A 95 1.59 -17.27 -10.62
CA SER A 95 2.69 -18.22 -10.55
CA SER A 95 2.69 -18.22 -10.55
C SER A 95 3.85 -17.60 -9.80
C SER A 95 3.84 -17.60 -9.79
N LEU A 96 4.18 -18.17 -8.64
CA LEU A 96 5.15 -17.55 -7.75
C LEU A 96 6.58 -17.95 -8.08
N ASN A 97 7.44 -16.94 -8.20
CA ASN A 97 8.88 -17.11 -8.34
C ASN A 97 9.52 -15.98 -7.53
N SER A 98 10.82 -15.74 -7.79
CA SER A 98 11.62 -14.78 -7.01
C SER A 98 11.23 -13.34 -7.28
N ARG A 99 10.67 -13.06 -8.46
CA ARG A 99 10.22 -11.72 -8.79
C ARG A 99 8.73 -11.49 -8.50
N VAL A 100 7.94 -12.55 -8.34
CA VAL A 100 6.53 -12.44 -7.95
C VAL A 100 6.35 -13.26 -6.69
N ALA A 101 6.23 -12.59 -5.55
CA ALA A 101 6.24 -13.25 -4.25
C ALA A 101 5.18 -12.61 -3.37
N SER A 102 4.68 -13.38 -2.42
CA SER A 102 3.77 -12.82 -1.44
C SER A 102 4.56 -12.32 -0.25
N ILE A 103 3.98 -11.36 0.45
CA ILE A 103 4.60 -10.77 1.65
C ILE A 103 3.81 -11.25 2.86
N SER A 104 4.53 -11.55 3.95
N SER A 104 4.53 -11.56 3.93
CA SER A 104 3.92 -12.16 5.11
CA SER A 104 3.86 -12.17 5.08
C SER A 104 3.08 -11.15 5.89
C SER A 104 3.04 -11.15 5.85
N LEU A 105 1.91 -11.62 6.38
CA LEU A 105 1.07 -10.80 7.24
C LEU A 105 1.66 -10.77 8.65
N PRO A 106 1.44 -9.70 9.41
CA PRO A 106 2.05 -9.62 10.74
C PRO A 106 1.38 -10.58 11.73
N THR A 107 2.17 -11.03 12.71
CA THR A 107 1.63 -11.52 13.96
C THR A 107 1.69 -10.46 15.06
N SER A 108 2.47 -9.41 14.86
CA SER A 108 2.56 -8.31 15.81
C SER A 108 2.54 -6.99 15.05
N CYS A 109 2.14 -5.95 15.77
CA CYS A 109 2.16 -4.61 15.23
C CYS A 109 3.58 -4.06 15.33
N ALA A 110 3.99 -3.31 14.32
CA ALA A 110 5.31 -2.71 14.34
C ALA A 110 5.30 -1.53 15.29
N SER A 111 6.39 -1.37 16.04
CA SER A 111 6.41 -0.34 17.06
C SER A 111 6.93 0.98 16.50
N ALA A 112 6.44 2.08 17.09
CA ALA A 112 6.97 3.40 16.81
C ALA A 112 8.49 3.37 16.90
N GLY A 113 9.13 3.89 15.84
CA GLY A 113 10.57 3.84 15.67
C GLY A 113 11.01 2.92 14.57
N THR A 114 10.21 1.90 14.26
CA THR A 114 10.60 0.87 13.32
C THR A 114 10.57 1.41 11.89
N GLN A 115 11.62 1.14 11.12
CA GLN A 115 11.81 1.69 9.78
C GLN A 115 11.30 0.73 8.72
N CYS A 116 10.63 1.28 7.71
CA CYS A 116 9.79 0.47 6.82
C CYS A 116 10.05 0.86 5.37
N LEU A 117 9.64 -0.05 4.46
CA LEU A 117 9.75 0.16 3.02
C LEU A 117 8.41 0.54 2.43
N ILE A 118 8.29 1.77 1.96
CA ILE A 118 7.10 2.23 1.26
C ILE A 118 7.43 2.34 -0.23
N SER A 119 6.59 1.74 -1.08
CA SER A 119 6.85 1.73 -2.51
C SER A 119 5.57 1.92 -3.31
N GLY A 120 5.68 2.59 -4.45
CA GLY A 120 4.53 2.79 -5.33
C GLY A 120 4.87 3.59 -6.57
N TRP A 121 3.89 3.70 -7.46
CA TRP A 121 3.99 4.51 -8.68
C TRP A 121 3.28 5.87 -8.53
N GLY A 122 3.26 6.44 -7.33
CA GLY A 122 2.58 7.69 -7.11
C GLY A 122 3.41 8.91 -7.50
N ASN A 123 2.75 10.07 -7.44
CA ASN A 123 3.40 11.34 -7.74
C ASN A 123 4.67 11.49 -6.92
N THR A 124 5.72 11.97 -7.59
CA THR A 124 7.04 12.10 -6.99
C THR A 124 7.36 13.52 -6.54
N LYS A 125 6.46 14.48 -6.78
CA LYS A 125 6.69 15.87 -6.43
C LYS A 125 5.61 16.34 -5.45
N SER A 126 6.01 17.22 -4.53
CA SER A 126 5.17 17.70 -3.43
C SER A 126 4.39 18.94 -3.81
N SER A 127 5.01 19.84 -4.57
CA SER A 127 4.36 21.02 -5.14
C SER A 127 4.59 20.90 -6.63
N GLY A 128 3.63 20.30 -7.32
CA GLY A 128 3.75 19.92 -8.71
C GLY A 128 3.32 18.49 -8.92
N THR A 129 3.30 18.09 -10.18
CA THR A 129 2.79 16.78 -10.60
C THR A 129 3.80 16.12 -11.51
N SER A 130 4.16 14.86 -11.20
CA SER A 130 5.00 14.06 -12.07
C SER A 130 5.02 12.60 -11.65
N TYR A 131 4.55 11.72 -12.55
CA TYR A 131 4.35 10.32 -12.24
C TYR A 131 5.43 9.47 -12.88
N PRO A 132 6.03 8.56 -12.13
CA PRO A 132 7.09 7.70 -12.70
C PRO A 132 6.52 6.50 -13.42
N ASP A 133 7.32 5.97 -14.35
CA ASP A 133 6.98 4.70 -14.96
C ASP A 133 7.57 3.52 -14.21
N VAL A 134 8.73 3.70 -13.60
CA VAL A 134 9.34 2.70 -12.77
C VAL A 134 8.89 2.90 -11.33
N LEU A 135 9.04 1.85 -10.51
CA LEU A 135 8.59 1.87 -9.12
C LEU A 135 9.55 2.67 -8.24
N LYS A 136 8.99 3.47 -7.32
CA LYS A 136 9.78 4.32 -6.42
C LYS A 136 9.66 3.84 -4.97
N CYS A 137 10.77 3.91 -4.22
CA CYS A 137 10.86 3.35 -2.87
C CYS A 137 11.26 4.43 -1.86
N LEU A 138 10.72 4.31 -0.64
CA LEU A 138 11.05 5.23 0.45
C LEU A 138 11.18 4.43 1.73
N LYS A 139 12.27 4.66 2.46
CA LYS A 139 12.38 4.15 3.81
C LYS A 139 11.98 5.24 4.77
N ALA A 140 10.96 4.96 5.61
CA ALA A 140 10.40 5.91 6.54
C ALA A 140 10.13 5.19 7.86
N PRO A 141 10.52 5.78 8.99
CA PRO A 141 10.19 5.17 10.29
C PRO A 141 8.71 5.29 10.59
N ILE A 142 8.28 4.50 11.56
CA ILE A 142 6.96 4.67 12.13
C ILE A 142 7.01 5.79 13.15
N LEU A 143 5.94 6.58 13.22
CA LEU A 143 5.87 7.70 14.16
C LEU A 143 4.92 7.38 15.30
N SER A 144 5.12 8.11 16.40
CA SER A 144 4.38 7.85 17.62
C SER A 144 2.93 8.29 17.49
N ASP A 145 2.07 7.54 18.18
CA ASP A 145 0.65 7.87 18.21
C ASP A 145 0.41 9.30 18.69
N SER A 146 1.32 9.83 19.52
CA SER A 146 1.12 11.16 20.10
C SER A 146 1.52 12.29 19.15
N SER A 147 2.47 12.05 18.25
CA SER A 147 2.76 13.04 17.21
C SER A 147 1.84 12.85 16.00
N CYS A 148 1.37 11.61 15.78
CA CYS A 148 0.35 11.35 14.77
C CYS A 148 -0.94 12.06 15.12
N LYS A 149 -1.40 11.91 16.36
CA LYS A 149 -2.63 12.56 16.76
C LYS A 149 -2.50 14.08 16.77
N SER A 150 -1.30 14.60 17.09
N SER A 150 -1.30 14.59 17.07
CA SER A 150 -1.08 16.05 17.00
CA SER A 150 -1.08 16.04 17.01
C SER A 150 -1.14 16.54 15.56
C SER A 150 -1.10 16.55 15.57
N ALA A 151 -0.41 15.87 14.66
CA ALA A 151 -0.33 16.33 13.27
C ALA A 151 -1.70 16.36 12.60
N TYR A 152 -2.63 15.49 13.01
CA TYR A 152 -3.95 15.38 12.41
C TYR A 152 -4.98 15.24 13.52
N PRO A 153 -5.34 16.34 14.19
CA PRO A 153 -6.32 16.24 15.28
C PRO A 153 -7.62 15.61 14.81
N GLY A 154 -8.27 14.89 15.72
CA GLY A 154 -9.55 14.26 15.49
C GLY A 154 -9.65 13.21 14.39
N GLN A 155 -8.54 12.86 13.74
CA GLN A 155 -8.59 12.01 12.54
C GLN A 155 -7.90 10.66 12.67
N ILE A 156 -7.10 10.44 13.71
CA ILE A 156 -6.30 9.23 13.81
C ILE A 156 -7.03 8.24 14.70
N THR A 157 -7.50 7.14 14.11
CA THR A 157 -8.09 6.07 14.87
C THR A 157 -7.08 4.97 15.12
N SER A 158 -7.42 4.09 16.07
CA SER A 158 -6.65 2.90 16.37
C SER A 158 -6.40 2.06 15.13
N ASN A 159 -7.11 2.33 14.04
CA ASN A 159 -6.96 1.65 12.77
C ASN A 159 -6.01 2.39 11.82
N MET A 160 -5.26 3.36 12.33
CA MET A 160 -4.31 4.11 11.51
C MET A 160 -3.01 4.30 12.29
N PHE A 161 -1.92 4.52 11.56
CA PHE A 161 -0.70 5.06 12.15
C PHE A 161 -0.08 6.02 11.15
N CYS A 162 0.79 6.90 11.68
CA CYS A 162 1.58 7.81 10.85
C CYS A 162 2.98 7.23 10.68
N ALA A 163 3.54 7.41 9.49
CA ALA A 163 4.91 7.03 9.22
C ALA A 163 5.50 8.08 8.30
N GLY A 164 6.76 8.44 8.52
CA GLY A 164 7.38 9.45 7.68
C GLY A 164 8.36 10.36 8.37
N TYR A 165 8.29 11.66 8.09
CA TYR A 165 9.23 12.64 8.66
C TYR A 165 8.49 13.95 8.79
N LEU A 166 8.50 14.51 10.01
CA LEU A 166 7.72 15.71 10.27
C LEU A 166 8.34 16.96 9.67
N GLU A 167 9.61 16.91 9.27
CA GLU A 167 10.21 18.05 8.57
C GLU A 167 9.84 18.08 7.09
N GLY A 168 9.18 17.04 6.58
CA GLY A 168 8.64 17.09 5.23
C GLY A 168 9.74 16.93 4.19
N GLY A 169 9.32 16.73 2.93
CA GLY A 169 10.22 16.40 1.86
C GLY A 169 10.21 14.93 1.46
N LYS A 170 9.54 14.07 2.23
CA LYS A 170 9.60 12.63 1.97
C LYS A 170 8.30 12.00 2.40
N ASP A 171 7.60 11.40 1.44
CA ASP A 171 6.26 10.89 1.72
C ASP A 171 5.84 9.91 0.63
N SER A 172 4.74 9.20 0.90
CA SER A 172 3.96 8.63 -0.18
C SER A 172 3.00 9.68 -0.71
N CYS A 173 2.37 9.39 -1.84
CA CYS A 173 1.59 10.43 -2.50
C CYS A 173 0.52 9.80 -3.37
N GLN A 174 -0.40 10.64 -3.86
CA GLN A 174 -1.40 10.28 -4.84
C GLN A 174 -0.85 9.30 -5.86
N GLY A 175 -1.51 8.13 -5.98
CA GLY A 175 -1.06 7.05 -6.84
C GLY A 175 -0.35 5.94 -6.10
N ASP A 176 0.14 6.21 -4.88
CA ASP A 176 0.71 5.20 -4.02
C ASP A 176 -0.33 4.47 -3.19
N SER A 177 -1.58 4.95 -3.19
CA SER A 177 -2.63 4.37 -2.36
C SER A 177 -2.85 2.91 -2.72
N GLY A 178 -3.23 2.12 -1.70
CA GLY A 178 -3.30 0.68 -1.79
C GLY A 178 -1.98 -0.05 -1.56
N GLY A 179 -0.84 0.65 -1.63
CA GLY A 179 0.44 0.00 -1.68
C GLY A 179 1.03 -0.36 -0.33
N PRO A 180 2.13 -1.11 -0.36
CA PRO A 180 2.69 -1.67 0.88
C PRO A 180 3.45 -0.67 1.75
N VAL A 181 3.45 -0.98 3.04
CA VAL A 181 4.41 -0.45 4.01
C VAL A 181 4.95 -1.67 4.71
N VAL A 182 6.21 -2.02 4.45
CA VAL A 182 6.76 -3.28 4.94
C VAL A 182 7.84 -2.99 5.96
N CYS A 183 7.76 -3.68 7.10
CA CYS A 183 8.75 -3.56 8.18
C CYS A 183 9.14 -4.95 8.63
N SER A 184 10.45 -5.21 8.64
CA SER A 184 10.97 -6.50 9.09
C SER A 184 10.29 -7.65 8.37
N GLY A 185 10.03 -7.45 7.08
CA GLY A 185 9.36 -8.46 6.27
C GLY A 185 7.90 -8.67 6.60
N LYS A 186 7.21 -7.65 7.10
CA LYS A 186 5.80 -7.78 7.49
C LYS A 186 5.00 -6.62 6.91
N LEU A 187 4.02 -6.94 6.06
CA LEU A 187 3.08 -5.93 5.60
C LEU A 187 2.37 -5.27 6.77
N GLN A 188 2.93 -4.19 7.31
CA GLN A 188 2.36 -3.54 8.48
C GLN A 188 1.37 -2.43 8.15
N GLY A 189 1.56 -1.73 7.03
CA GLY A 189 0.68 -0.65 6.67
C GLY A 189 0.24 -0.75 5.21
N ILE A 190 -0.81 0.01 4.91
CA ILE A 190 -1.34 0.18 3.56
C ILE A 190 -1.42 1.68 3.31
N VAL A 191 -0.81 2.14 2.21
CA VAL A 191 -0.83 3.58 1.88
C VAL A 191 -2.28 4.03 1.87
N SER A 192 -2.62 5.05 2.65
CA SER A 192 -4.03 5.38 2.84
C SER A 192 -4.35 6.87 2.64
N TRP A 193 -3.86 7.77 3.49
CA TRP A 193 -4.14 9.18 3.25
C TRP A 193 -3.09 10.07 3.91
N GLY A 194 -3.28 11.37 3.69
CA GLY A 194 -2.43 12.41 4.24
C GLY A 194 -2.91 13.73 3.68
N SER A 195 -2.38 14.81 4.24
N SER A 195 -2.39 14.81 4.26
CA SER A 195 -2.69 16.17 3.80
CA SER A 195 -2.68 16.17 3.80
C SER A 195 -1.57 16.62 2.85
C SER A 195 -1.56 16.59 2.85
N GLY A 196 -1.85 16.58 1.55
CA GLY A 196 -0.80 16.86 0.60
C GLY A 196 0.18 15.70 0.56
N CYS A 197 1.40 16.00 0.11
CA CYS A 197 2.48 15.01 0.10
C CYS A 197 3.79 15.68 0.47
N ALA A 198 4.56 15.02 1.35
CA ALA A 198 5.90 15.46 1.74
C ALA A 198 5.89 16.80 2.45
N GLN A 199 4.81 17.10 3.20
CA GLN A 199 4.62 18.40 3.86
C GLN A 199 5.10 18.38 5.31
N LYS A 200 5.63 19.51 5.75
CA LYS A 200 6.08 19.64 7.13
C LYS A 200 4.93 19.44 8.09
N ASN A 201 5.19 18.67 9.14
CA ASN A 201 4.21 18.35 10.18
C ASN A 201 2.95 17.72 9.58
N LYS A 202 3.10 16.95 8.49
CA LYS A 202 1.97 16.25 7.88
C LYS A 202 2.43 14.92 7.31
N PRO A 203 2.71 13.93 8.17
CA PRO A 203 3.22 12.65 7.68
C PRO A 203 2.12 11.76 7.11
N GLY A 204 2.55 10.87 6.20
CA GLY A 204 1.65 9.89 5.64
C GLY A 204 0.87 9.12 6.70
N VAL A 205 -0.39 8.80 6.41
CA VAL A 205 -1.25 8.07 7.34
C VAL A 205 -1.55 6.70 6.71
N TYR A 206 -1.36 5.64 7.48
CA TYR A 206 -1.39 4.28 6.96
C TYR A 206 -2.36 3.39 7.73
N THR A 207 -3.13 2.61 6.98
CA THR A 207 -3.99 1.58 7.56
C THR A 207 -3.16 0.52 8.28
N LYS A 208 -3.60 0.16 9.50
CA LYS A 208 -2.84 -0.68 10.44
C LYS A 208 -3.20 -2.15 10.23
N VAL A 209 -2.41 -2.85 9.42
CA VAL A 209 -2.78 -4.19 8.94
C VAL A 209 -2.95 -5.18 10.10
N CYS A 210 -2.17 -5.02 11.17
CA CYS A 210 -2.22 -6.02 12.24
C CYS A 210 -3.59 -6.10 12.91
N ASN A 211 -4.46 -5.11 12.70
CA ASN A 211 -5.81 -5.18 13.25
C ASN A 211 -6.74 -6.05 12.43
N TYR A 212 -6.26 -6.52 11.28
CA TYR A 212 -7.10 -7.13 10.27
C TYR A 212 -6.58 -8.49 9.85
N VAL A 213 -5.59 -9.05 10.55
CA VAL A 213 -5.12 -10.38 10.18
C VAL A 213 -6.21 -11.41 10.39
N SER A 214 -6.99 -11.26 11.47
N SER A 214 -7.00 -11.24 11.46
CA SER A 214 -8.12 -12.16 11.68
CA SER A 214 -8.12 -12.17 11.69
C SER A 214 -9.17 -12.00 10.60
C SER A 214 -9.21 -12.00 10.63
N TRP A 215 -9.49 -10.76 10.23
CA TRP A 215 -10.48 -10.54 9.16
C TRP A 215 -9.95 -11.03 7.82
N ILE A 216 -8.65 -10.83 7.56
CA ILE A 216 -8.08 -11.27 6.28
C ILE A 216 -8.08 -12.78 6.20
N LYS A 217 -7.63 -13.44 7.27
CA LYS A 217 -7.44 -14.88 7.21
C LYS A 217 -8.76 -15.62 7.12
N GLN A 218 -9.78 -15.17 7.85
CA GLN A 218 -11.06 -15.86 7.80
C GLN A 218 -11.83 -15.53 6.53
N THR A 219 -11.61 -14.35 5.97
CA THR A 219 -12.15 -14.06 4.64
C THR A 219 -11.54 -15.00 3.60
N ILE A 220 -10.23 -15.23 3.69
CA ILE A 220 -9.52 -15.94 2.63
C ILE A 220 -9.77 -17.45 2.73
N ALA A 221 -10.11 -17.95 3.92
CA ALA A 221 -10.46 -19.35 4.11
C ALA A 221 -11.93 -19.65 3.82
N SER A 222 -12.73 -18.65 3.47
CA SER A 222 -14.13 -18.87 3.17
C SER A 222 -14.52 -18.35 1.79
N ASN A 223 -13.59 -17.76 1.06
CA ASN A 223 -13.84 -17.27 -0.29
C ASN A 223 -12.86 -17.91 -1.26
CA CA B . 5.83 -3.62 -17.26
C1 BEN C . -0.61 10.56 1.00
C2 BEN C . -0.81 9.24 0.62
C3 BEN C . -1.87 8.91 -0.23
C4 BEN C . -2.71 9.90 -0.68
C5 BEN C . -2.52 11.22 -0.30
C6 BEN C . -1.46 11.55 0.54
C BEN C . 0.46 10.89 1.86
N1 BEN C . 0.86 12.15 2.01
N2 BEN C . 1.10 9.98 2.56
S SO4 D . -5.36 8.80 -3.96
O1 SO4 D . -3.93 8.45 -3.89
O2 SO4 D . -5.89 9.06 -2.61
O3 SO4 D . -5.53 10.03 -4.75
O4 SO4 D . -6.10 7.72 -4.63
S SO4 E . -7.20 13.19 19.21
O1 SO4 E . -6.62 13.05 20.55
O2 SO4 E . -7.26 14.61 18.83
O3 SO4 E . -6.36 12.49 18.24
O4 SO4 E . -8.55 12.61 19.21
O1 XYP F . 2.11 -9.16 -21.85
C1 XYP F . 1.21 -9.77 -21.01
C2 XYP F . 1.31 -11.27 -21.20
C3 XYP F . 0.52 -11.99 -20.18
C4 XYP F . 1.13 -11.71 -18.85
C5 XYP F . 0.94 -10.23 -18.56
O2 XYP F . 0.83 -11.60 -22.50
O3 XYP F . 0.50 -13.43 -20.46
O4 XYP F . 0.52 -12.47 -17.81
O5 XYP F . 1.49 -9.34 -19.60
C1 XYS G . -12.75 13.73 8.23
C2 XYS G . -11.30 13.28 8.11
C3 XYS G . -10.38 14.49 7.98
C4 XYS G . -10.87 15.45 6.90
C5 XYS G . -12.37 15.74 7.05
O1 XYS G . -12.99 14.42 9.44
O2 XYS G . -10.91 12.55 9.25
O3 XYS G . -9.07 14.07 7.70
O4 XYS G . -10.12 16.65 6.96
O5 XYS G . -13.12 14.54 7.19
#